data_4EZS
#
_entry.id   4EZS
#
_cell.length_a   94.437
_cell.length_b   116.905
_cell.length_c   36.994
_cell.angle_alpha   90.00
_cell.angle_beta   90.00
_cell.angle_gamma   90.00
#
_symmetry.space_group_name_H-M   'I 2 2 2'
#
loop_
_entity.id
_entity.type
_entity.pdbx_description
1 polymer 'Chaperone protein DnaK'
2 polymer Metchnikowin
3 non-polymer 'SULFATE ION'
4 water water
#
loop_
_entity_poly.entity_id
_entity_poly.type
_entity_poly.pdbx_seq_one_letter_code
_entity_poly.pdbx_strand_id
1 'polypeptide(L)'
;VLLLDVTPLSLGIETMGGVMTTLIAKNTTIPTKHSQVFSTAEDNQSAVTIHVLQGERKRAADNKSLGQFNLDGINPAPRG
MPQIEVTFDIDADGILHVSAKDKNSGKEQKITIKASSGLNEDEIQKMVRDAEANAEADRKFEELVQTRNQGDHLLHSTRK
QVEEAGDKLPADDKTAIESALTALETALKGEDKAAIEAKMQELAQVSQKLMEIAQQQHA
;
A
2 'polypeptide(L)' PRPGPIYY B
#
loop_
_chem_comp.id
_chem_comp.type
_chem_comp.name
_chem_comp.formula
SO4 non-polymer 'SULFATE ION' 'O4 S -2'
#
# COMPACT_ATOMS: atom_id res chain seq x y z
N VAL A 1 3.37 -38.47 5.97
CA VAL A 1 2.41 -38.14 4.85
C VAL A 1 3.09 -38.30 3.49
N LEU A 2 2.34 -38.74 2.50
CA LEU A 2 2.86 -38.87 1.15
C LEU A 2 2.56 -37.65 0.30
N LEU A 3 1.54 -36.90 0.68
CA LEU A 3 1.21 -35.61 0.12
C LEU A 3 1.08 -34.53 1.15
N LEU A 4 1.12 -33.30 0.65
CA LEU A 4 0.76 -32.11 1.39
C LEU A 4 -0.12 -31.28 0.49
N ASP A 5 -1.23 -30.72 0.98
CA ASP A 5 -1.89 -29.69 0.18
C ASP A 5 -1.23 -28.34 0.47
N VAL A 6 -0.70 -27.68 -0.56
CA VAL A 6 0.01 -26.39 -0.41
C VAL A 6 -0.53 -25.32 -1.36
N THR A 7 -0.29 -24.06 -1.01
CA THR A 7 -0.59 -22.95 -1.89
C THR A 7 0.42 -22.92 -3.03
N PRO A 8 -0.04 -23.03 -4.30
CA PRO A 8 1.01 -23.03 -5.32
C PRO A 8 1.59 -21.62 -5.56
N LEU A 9 0.85 -20.60 -5.15
CA LEU A 9 1.23 -19.20 -5.39
C LEU A 9 0.92 -18.33 -4.18
N SER A 10 1.68 -17.24 -3.97
CA SER A 10 1.33 -16.29 -2.93
C SER A 10 -0.11 -15.69 -3.14
N LEU A 11 -0.69 -15.33 -2.03
CA LEU A 11 -2.02 -14.68 -1.92
C LEU A 11 -1.88 -13.41 -1.17
N GLY A 12 -2.48 -12.32 -1.66
CA GLY A 12 -2.29 -11.04 -0.99
C GLY A 12 -3.31 -9.99 -1.45
N ILE A 13 -2.97 -8.72 -1.19
CA ILE A 13 -3.84 -7.65 -1.59
C ILE A 13 -3.05 -6.52 -2.30
N GLU A 14 -3.78 -5.70 -3.06
CA GLU A 14 -3.11 -4.57 -3.66
C GLU A 14 -3.01 -3.46 -2.65
N THR A 15 -1.85 -2.81 -2.54
CA THR A 15 -1.67 -1.73 -1.52
C THR A 15 -1.14 -0.48 -2.28
N MET A 16 -1.12 0.65 -1.61
CA MET A 16 -0.61 1.91 -2.11
C MET A 16 0.52 1.82 -3.14
N GLY A 17 0.27 2.32 -4.35
CA GLY A 17 1.34 2.39 -5.36
C GLY A 17 1.10 1.34 -6.45
N GLY A 18 0.06 0.50 -6.25
CA GLY A 18 -0.19 -0.61 -7.18
C GLY A 18 0.67 -1.85 -6.95
N VAL A 19 1.14 -2.07 -5.72
CA VAL A 19 1.96 -3.30 -5.47
C VAL A 19 1.17 -4.40 -4.77
N MET A 20 1.66 -5.64 -4.90
CA MET A 20 1.02 -6.76 -4.20
C MET A 20 1.70 -6.89 -2.88
N THR A 21 0.94 -6.89 -1.81
CA THR A 21 1.45 -7.16 -0.47
C THR A 21 0.99 -8.57 -0.10
N THR A 22 1.92 -9.44 0.25
CA THR A 22 1.57 -10.83 0.43
C THR A 22 1.12 -11.05 1.86
N LEU A 23 0.03 -11.80 2.00
CA LEU A 23 -0.46 -12.24 3.31
C LEU A 23 -0.19 -13.71 3.58
N ILE A 24 -0.35 -14.53 2.55
CA ILE A 24 0.01 -15.96 2.70
C ILE A 24 1.10 -16.32 1.67
N ALA A 25 2.27 -16.78 2.11
CA ALA A 25 3.36 -17.11 1.13
C ALA A 25 3.06 -18.36 0.29
N LYS A 26 3.53 -18.31 -0.94
CA LYS A 26 3.69 -19.52 -1.80
C LYS A 26 4.16 -20.73 -0.99
N ASN A 27 3.60 -21.91 -1.24
CA ASN A 27 4.02 -23.11 -0.54
C ASN A 27 3.69 -23.24 0.95
N THR A 28 2.70 -22.51 1.42
CA THR A 28 2.19 -22.65 2.78
C THR A 28 1.23 -23.83 2.82
N THR A 29 1.35 -24.67 3.84
CA THR A 29 0.42 -25.79 3.95
C THR A 29 -0.85 -25.23 4.56
N ILE A 30 -1.99 -25.75 4.17
CA ILE A 30 -3.28 -25.34 4.73
C ILE A 30 -3.71 -26.37 5.75
N PRO A 31 -4.60 -26.02 6.68
CA PRO A 31 -5.17 -24.68 6.88
C PRO A 31 -4.16 -23.70 7.42
N THR A 32 -4.36 -22.41 7.13
CA THR A 32 -3.54 -21.37 7.67
C THR A 32 -4.34 -20.06 7.82
N LYS A 33 -3.89 -19.17 8.69
CA LYS A 33 -4.57 -17.87 8.89
C LYS A 33 -3.52 -16.80 9.25
N HIS A 34 -3.53 -15.67 8.55
CA HIS A 34 -2.56 -14.59 8.77
C HIS A 34 -3.29 -13.30 8.64
N SER A 35 -2.91 -12.31 9.45
CA SER A 35 -3.49 -10.97 9.35
CA SER A 35 -3.50 -10.99 9.31
C SER A 35 -2.43 -9.88 9.26
N GLN A 36 -2.82 -8.74 8.72
CA GLN A 36 -1.93 -7.57 8.75
C GLN A 36 -2.85 -6.34 8.84
N VAL A 37 -2.44 -5.32 9.58
CA VAL A 37 -3.26 -4.10 9.69
C VAL A 37 -2.81 -3.09 8.66
N PHE A 38 -3.78 -2.46 8.02
CA PHE A 38 -3.54 -1.38 7.00
C PHE A 38 -4.28 -0.09 7.39
N SER A 39 -4.11 1.00 6.64
CA SER A 39 -4.75 2.20 7.00
C SER A 39 -5.27 2.87 5.74
N THR A 40 -5.78 4.08 5.88
CA THR A 40 -6.21 4.87 4.73
C THR A 40 -5.04 5.62 4.14
N ALA A 41 -5.18 6.00 2.87
CA ALA A 41 -4.12 6.70 2.15
C ALA A 41 -4.42 8.18 1.95
N GLU A 42 -5.63 8.63 2.27
CA GLU A 42 -6.02 10.02 2.09
C GLU A 42 -6.70 10.53 3.33
N ASP A 43 -6.62 11.84 3.57
CA ASP A 43 -7.35 12.42 4.70
C ASP A 43 -8.85 12.20 4.45
N ASN A 44 -9.61 11.93 5.52
CA ASN A 44 -11.09 11.82 5.46
C ASN A 44 -11.57 10.73 4.52
N GLN A 45 -10.76 9.72 4.26
CA GLN A 45 -11.18 8.60 3.40
C GLN A 45 -12.26 7.78 4.11
N SER A 46 -13.40 7.56 3.46
CA SER A 46 -14.46 6.85 4.14
C SER A 46 -14.54 5.32 3.82
N ALA A 47 -13.78 4.86 2.81
CA ALA A 47 -13.87 3.44 2.36
C ALA A 47 -12.47 3.02 1.85
N VAL A 48 -12.12 1.76 2.02
CA VAL A 48 -10.87 1.18 1.40
C VAL A 48 -11.31 -0.03 0.61
N THR A 49 -10.67 -0.21 -0.53
CA THR A 49 -10.88 -1.30 -1.45
C THR A 49 -9.86 -2.42 -1.14
N ILE A 50 -10.40 -3.62 -0.93
CA ILE A 50 -9.56 -4.78 -0.72
C ILE A 50 -9.62 -5.57 -2.02
N HIS A 51 -8.52 -5.51 -2.79
CA HIS A 51 -8.36 -6.25 -4.08
C HIS A 51 -7.45 -7.43 -3.83
N VAL A 52 -8.03 -8.62 -3.82
CA VAL A 52 -7.34 -9.92 -3.55
C VAL A 52 -6.61 -10.39 -4.79
N LEU A 53 -5.36 -10.78 -4.58
CA LEU A 53 -4.43 -11.19 -5.63
C LEU A 53 -3.83 -12.58 -5.41
N GLN A 54 -3.58 -13.29 -6.51
CA GLN A 54 -2.81 -14.50 -6.46
C GLN A 54 -1.67 -14.38 -7.44
N GLY A 55 -0.46 -14.64 -6.96
CA GLY A 55 0.67 -14.71 -7.87
C GLY A 55 1.94 -14.26 -7.23
N GLU A 56 3.02 -14.18 -8.01
CA GLU A 56 4.32 -13.83 -7.44
C GLU A 56 4.93 -12.55 -8.00
N ARG A 57 4.16 -11.74 -8.73
CA ARG A 57 4.73 -10.53 -9.36
C ARG A 57 4.68 -9.35 -8.39
N LYS A 58 5.52 -8.32 -8.54
CA LYS A 58 5.41 -7.19 -7.61
C LYS A 58 4.30 -6.21 -7.99
N ARG A 59 4.07 -6.05 -9.29
CA ARG A 59 2.98 -5.21 -9.76
C ARG A 59 1.67 -5.96 -9.54
N ALA A 60 0.75 -5.36 -8.80
CA ALA A 60 -0.59 -6.00 -8.64
C ALA A 60 -1.24 -6.35 -9.99
N ALA A 61 -1.20 -5.45 -10.98
CA ALA A 61 -1.83 -5.68 -12.27
C ALA A 61 -1.24 -6.89 -13.02
N ASP A 62 -0.09 -7.41 -12.56
CA ASP A 62 0.58 -8.60 -13.20
C ASP A 62 0.20 -9.94 -12.53
N ASN A 63 -0.59 -9.86 -11.44
CA ASN A 63 -1.12 -11.04 -10.74
C ASN A 63 -2.55 -11.38 -11.10
N LYS A 64 -3.05 -12.52 -10.63
CA LYS A 64 -4.47 -12.89 -10.96
C LYS A 64 -5.37 -12.28 -9.91
N SER A 65 -6.32 -11.44 -10.35
CA SER A 65 -7.29 -10.83 -9.44
C SER A 65 -8.25 -11.93 -9.01
N LEU A 66 -8.45 -12.15 -7.72
CA LEU A 66 -9.44 -13.15 -7.25
C LEU A 66 -10.75 -12.49 -6.87
N GLY A 67 -10.81 -11.18 -6.92
CA GLY A 67 -12.04 -10.44 -6.59
C GLY A 67 -11.69 -9.21 -5.76
N GLN A 68 -12.71 -8.40 -5.48
CA GLN A 68 -12.55 -7.22 -4.65
C GLN A 68 -13.82 -6.82 -3.94
N PHE A 69 -13.67 -6.06 -2.85
CA PHE A 69 -14.84 -5.57 -2.13
C PHE A 69 -14.32 -4.37 -1.34
N ASN A 70 -15.25 -3.54 -0.89
CA ASN A 70 -14.93 -2.32 -0.15
C ASN A 70 -15.37 -2.42 1.30
N LEU A 71 -14.59 -1.86 2.22
CA LEU A 71 -15.07 -1.67 3.58
C LEU A 71 -15.38 -0.18 3.63
N ASP A 72 -16.64 0.20 3.82
CA ASP A 72 -16.90 1.62 4.05
C ASP A 72 -17.27 1.93 5.48
N GLY A 73 -17.74 3.16 5.71
CA GLY A 73 -18.14 3.64 7.03
C GLY A 73 -16.95 4.03 7.94
N ILE A 74 -15.79 4.28 7.33
CA ILE A 74 -14.61 4.65 8.16
C ILE A 74 -14.85 6.09 8.61
N ASN A 75 -14.62 6.39 9.88
CA ASN A 75 -14.92 7.73 10.41
C ASN A 75 -13.84 8.74 9.97
N PRO A 76 -14.23 10.05 9.77
CA PRO A 76 -13.22 11.09 9.39
C PRO A 76 -11.94 11.06 10.27
N ALA A 77 -10.78 10.95 9.62
CA ALA A 77 -9.49 10.87 10.29
C ALA A 77 -8.43 11.27 9.28
N PRO A 78 -7.28 11.75 9.82
CA PRO A 78 -6.10 12.04 8.98
C PRO A 78 -5.71 10.72 8.28
N ARG A 79 -5.12 10.79 7.09
CA ARG A 79 -4.52 9.58 6.46
C ARG A 79 -3.61 8.84 7.45
N GLY A 80 -3.55 7.52 7.36
CA GLY A 80 -2.61 6.76 8.15
C GLY A 80 -3.06 6.44 9.56
N MET A 81 -4.21 6.97 10.01
CA MET A 81 -4.67 6.76 11.40
C MET A 81 -5.61 5.56 11.64
N PRO A 82 -6.59 5.35 10.75
CA PRO A 82 -7.55 4.27 10.94
C PRO A 82 -6.84 2.91 10.84
N GLN A 83 -7.39 1.90 11.54
CA GLN A 83 -6.76 0.63 11.49
C GLN A 83 -7.75 -0.32 10.86
N ILE A 84 -7.38 -0.80 9.67
CA ILE A 84 -8.19 -1.80 8.95
C ILE A 84 -7.42 -3.10 8.97
N GLU A 85 -7.89 -4.10 9.76
CA GLU A 85 -7.21 -5.38 9.84
C GLU A 85 -7.73 -6.32 8.76
N VAL A 86 -6.79 -6.83 8.00
CA VAL A 86 -7.14 -7.70 6.84
C VAL A 86 -6.69 -9.11 7.24
N THR A 87 -7.58 -10.09 7.24
CA THR A 87 -7.25 -11.49 7.56
C THR A 87 -7.48 -12.37 6.35
N PHE A 88 -6.49 -13.16 5.98
CA PHE A 88 -6.65 -14.24 4.98
C PHE A 88 -6.74 -15.58 5.70
N ASP A 89 -7.86 -16.26 5.56
CA ASP A 89 -8.07 -17.53 6.31
C ASP A 89 -8.39 -18.66 5.30
N ILE A 90 -7.55 -19.69 5.20
CA ILE A 90 -7.82 -20.86 4.33
C ILE A 90 -8.07 -22.06 5.17
N ASP A 91 -9.28 -22.58 5.03
CA ASP A 91 -9.67 -23.65 5.93
C ASP A 91 -9.24 -25.02 5.43
N ALA A 92 -9.64 -26.07 6.17
CA ALA A 92 -9.30 -27.46 5.80
C ALA A 92 -9.80 -27.81 4.38
N ASP A 93 -10.90 -27.18 3.91
CA ASP A 93 -11.51 -27.45 2.61
C ASP A 93 -10.82 -26.73 1.44
N GLY A 94 -9.77 -25.93 1.73
CA GLY A 94 -9.12 -25.09 0.73
C GLY A 94 -9.88 -23.82 0.33
N ILE A 95 -10.86 -23.39 1.14
CA ILE A 95 -11.68 -22.21 0.82
C ILE A 95 -10.96 -21.03 1.43
N LEU A 96 -10.80 -19.95 0.64
CA LEU A 96 -10.19 -18.69 1.15
C LEU A 96 -11.25 -17.67 1.65
N HIS A 97 -11.19 -17.31 2.93
CA HIS A 97 -12.00 -16.24 3.46
C HIS A 97 -11.13 -15.05 3.72
N VAL A 98 -11.45 -13.93 3.08
CA VAL A 98 -10.74 -12.65 3.29
C VAL A 98 -11.67 -11.61 3.94
N SER A 99 -11.26 -11.06 5.07
CA SER A 99 -12.10 -10.16 5.83
C SER A 99 -11.32 -8.87 6.07
N ALA A 100 -12.04 -7.75 6.10
CA ALA A 100 -11.47 -6.49 6.51
C ALA A 100 -12.40 -5.98 7.60
N LYS A 101 -11.78 -5.61 8.70
CA LYS A 101 -12.39 -5.11 9.86
C LYS A 101 -11.82 -3.76 10.32
N ASP A 102 -12.72 -2.80 10.53
CA ASP A 102 -12.37 -1.48 11.03
C ASP A 102 -12.31 -1.65 12.57
N LYS A 103 -11.13 -1.41 13.15
CA LYS A 103 -10.93 -1.75 14.56
C LYS A 103 -11.60 -0.72 15.45
N ASN A 104 -11.90 0.44 14.87
CA ASN A 104 -12.65 1.45 15.64
C ASN A 104 -14.13 1.00 15.84
N SER A 105 -14.78 0.57 14.77
CA SER A 105 -16.27 0.36 14.83
C SER A 105 -16.59 -1.08 14.98
N GLY A 106 -15.64 -1.89 14.60
CA GLY A 106 -15.84 -3.31 14.55
C GLY A 106 -16.62 -3.69 13.31
N LYS A 107 -16.90 -2.74 12.41
CA LYS A 107 -17.50 -3.05 11.11
C LYS A 107 -16.57 -3.96 10.27
N GLU A 108 -17.13 -4.99 9.65
CA GLU A 108 -16.41 -5.96 8.86
C GLU A 108 -17.07 -6.20 7.50
N GLN A 109 -16.27 -6.45 6.47
CA GLN A 109 -16.77 -7.00 5.17
C GLN A 109 -15.84 -8.17 4.78
N LYS A 110 -16.37 -9.12 4.02
CA LYS A 110 -15.67 -10.35 3.65
C LYS A 110 -15.86 -10.68 2.18
N ILE A 111 -14.90 -11.35 1.59
CA ILE A 111 -15.12 -12.08 0.33
C ILE A 111 -14.75 -13.55 0.62
N THR A 112 -15.55 -14.47 0.14
CA THR A 112 -15.21 -15.88 0.12
C THR A 112 -14.89 -16.39 -1.29
N ILE A 113 -13.78 -17.09 -1.43
CA ILE A 113 -13.22 -17.51 -2.74
C ILE A 113 -12.99 -19.02 -2.69
N LYS A 114 -13.76 -19.76 -3.47
CA LYS A 114 -13.67 -21.23 -3.36
C LYS A 114 -12.35 -21.82 -3.91
N ALA A 115 -12.10 -23.07 -3.55
CA ALA A 115 -10.78 -23.72 -3.72
C ALA A 115 -10.38 -23.79 -5.19
N SER A 116 -11.38 -23.75 -6.11
CA SER A 116 -11.17 -23.85 -7.55
C SER A 116 -10.90 -22.54 -8.28
N SER A 117 -11.09 -21.39 -7.61
CA SER A 117 -10.73 -20.05 -8.16
C SER A 117 -9.27 -19.85 -8.50
N GLY A 118 -8.98 -18.77 -9.21
CA GLY A 118 -7.60 -18.39 -9.52
C GLY A 118 -7.02 -19.15 -10.73
N LEU A 119 -5.70 -19.24 -10.79
CA LEU A 119 -4.97 -19.78 -11.94
C LEU A 119 -4.96 -21.31 -11.94
N ASN A 120 -5.11 -21.91 -13.14
CA ASN A 120 -5.03 -23.36 -13.32
C ASN A 120 -3.55 -23.76 -13.39
N GLU A 121 -3.24 -25.06 -13.43
CA GLU A 121 -1.80 -25.50 -13.37
C GLU A 121 -0.94 -24.94 -14.49
N ASP A 122 -1.52 -24.78 -15.69
CA ASP A 122 -0.74 -24.20 -16.83
C ASP A 122 -0.40 -22.75 -16.55
N GLU A 123 -1.35 -22.02 -15.95
CA GLU A 123 -1.15 -20.62 -15.68
C GLU A 123 -0.19 -20.45 -14.50
N ILE A 124 -0.25 -21.35 -13.50
CA ILE A 124 0.63 -21.28 -12.29
C ILE A 124 2.13 -21.41 -12.70
N GLN A 125 2.39 -22.39 -13.56
CA GLN A 125 3.76 -22.60 -14.01
C GLN A 125 4.25 -21.41 -14.89
N LYS A 126 3.38 -20.84 -15.73
CA LYS A 126 3.72 -19.62 -16.47
C LYS A 126 4.00 -18.44 -15.54
N MET A 127 3.18 -18.28 -14.51
CA MET A 127 3.38 -17.30 -13.45
C MET A 127 4.72 -17.48 -12.74
N VAL A 128 5.05 -18.71 -12.39
CA VAL A 128 6.33 -18.99 -11.70
C VAL A 128 7.53 -18.62 -12.56
N ARG A 129 7.42 -18.93 -13.84
CA ARG A 129 8.51 -18.68 -14.79
C ARG A 129 8.70 -17.19 -15.05
N ASP A 130 7.59 -16.52 -15.34
CA ASP A 130 7.53 -15.04 -15.53
C ASP A 130 8.09 -14.23 -14.36
N ALA A 131 7.73 -14.62 -13.12
CA ALA A 131 8.24 -13.95 -11.92
C ALA A 131 9.77 -14.04 -11.89
N GLU A 132 10.27 -15.25 -12.21
CA GLU A 132 11.74 -15.50 -12.24
C GLU A 132 12.38 -14.73 -13.37
N ALA A 133 11.78 -14.79 -14.55
CA ALA A 133 12.31 -14.07 -15.71
C ALA A 133 12.41 -12.58 -15.41
N ASN A 134 11.42 -12.07 -14.69
CA ASN A 134 11.25 -10.65 -14.51
C ASN A 134 11.72 -10.11 -13.18
N ALA A 135 12.56 -10.87 -12.47
CA ALA A 135 12.93 -10.54 -11.08
C ALA A 135 13.47 -9.12 -11.03
N GLU A 136 14.37 -8.84 -11.94
CA GLU A 136 15.05 -7.55 -12.03
C GLU A 136 14.05 -6.39 -12.29
N ALA A 137 13.28 -6.41 -13.39
CA ALA A 137 12.24 -5.41 -13.69
C ALA A 137 11.21 -5.23 -12.52
N ASP A 138 10.82 -6.33 -11.88
CA ASP A 138 9.97 -6.27 -10.66
C ASP A 138 10.68 -5.54 -9.49
N ARG A 139 11.99 -5.79 -9.29
CA ARG A 139 12.74 -5.05 -8.28
C ARG A 139 12.74 -3.54 -8.59
N LYS A 140 13.04 -3.16 -9.83
CA LYS A 140 12.96 -1.76 -10.27
C LYS A 140 11.59 -1.16 -10.01
N PHE A 141 10.52 -1.90 -10.30
CA PHE A 141 9.21 -1.37 -10.03
C PHE A 141 9.02 -1.20 -8.51
N GLU A 142 9.40 -2.20 -7.75
CA GLU A 142 9.21 -2.06 -6.27
C GLU A 142 9.98 -0.86 -5.67
N GLU A 143 11.19 -0.58 -6.16
CA GLU A 143 12.03 0.57 -5.69
C GLU A 143 11.37 1.88 -6.09
N LEU A 144 10.83 1.94 -7.32
CA LEU A 144 10.05 3.13 -7.75
C LEU A 144 8.84 3.38 -6.86
N VAL A 145 8.05 2.33 -6.57
CA VAL A 145 6.83 2.48 -5.73
C VAL A 145 7.18 2.94 -4.33
N GLN A 146 8.26 2.40 -3.81
CA GLN A 146 8.70 2.82 -2.49
C GLN A 146 9.08 4.34 -2.50
N THR A 147 9.87 4.73 -3.51
CA THR A 147 10.19 6.16 -3.72
C THR A 147 8.99 7.02 -3.86
N ARG A 148 8.05 6.67 -4.76
CA ARG A 148 6.83 7.48 -4.91
C ARG A 148 6.02 7.59 -3.62
N ASN A 149 5.94 6.48 -2.87
CA ASN A 149 5.13 6.44 -1.65
C ASN A 149 5.72 7.37 -0.59
N GLN A 150 7.06 7.37 -0.48
CA GLN A 150 7.78 8.21 0.50
C GLN A 150 7.61 9.66 0.12
N GLY A 151 7.75 9.93 -1.19
CA GLY A 151 7.45 11.26 -1.77
C GLY A 151 6.04 11.75 -1.41
N ASP A 152 5.05 10.89 -1.57
CA ASP A 152 3.66 11.24 -1.28
C ASP A 152 3.54 11.58 0.23
N HIS A 153 4.13 10.75 1.08
CA HIS A 153 4.07 10.98 2.52
C HIS A 153 4.75 12.31 2.87
N LEU A 154 5.92 12.55 2.30
CA LEU A 154 6.63 13.80 2.56
C LEU A 154 5.82 15.03 2.08
N LEU A 155 5.22 14.95 0.87
CA LEU A 155 4.28 15.96 0.28
C LEU A 155 3.21 16.37 1.29
N HIS A 156 2.48 15.37 1.76
CA HIS A 156 1.38 15.60 2.70
C HIS A 156 1.77 16.02 4.10
N SER A 157 2.80 15.43 4.66
CA SER A 157 3.26 15.82 5.99
CA SER A 157 3.25 15.84 5.99
C SER A 157 3.78 17.27 5.95
N THR A 158 4.47 17.63 4.85
CA THR A 158 5.09 18.96 4.77
C THR A 158 3.99 20.04 4.65
N ARG A 159 2.95 19.73 3.88
CA ARG A 159 1.78 20.62 3.76
C ARG A 159 1.10 20.85 5.13
N LYS A 160 1.04 19.80 5.95
CA LYS A 160 0.44 19.87 7.28
C LYS A 160 1.28 20.71 8.20
N GLN A 161 2.59 20.53 8.10
CA GLN A 161 3.53 21.30 8.92
C GLN A 161 3.59 22.77 8.53
N VAL A 162 3.46 23.07 7.25
CA VAL A 162 3.35 24.49 6.85
C VAL A 162 2.15 25.16 7.57
N GLU A 163 0.98 24.53 7.47
CA GLU A 163 -0.29 25.01 8.10
C GLU A 163 -0.16 25.19 9.61
N GLU A 164 0.36 24.19 10.31
CA GLU A 164 0.53 24.33 11.76
C GLU A 164 1.57 25.40 12.12
N ALA A 165 2.58 25.61 11.26
CA ALA A 165 3.57 26.70 11.46
C ALA A 165 2.94 28.08 11.29
N GLY A 166 2.09 28.27 10.29
CA GLY A 166 1.48 29.59 10.03
C GLY A 166 2.51 30.70 9.99
N ASP A 167 2.29 31.75 10.76
CA ASP A 167 3.17 32.90 10.81
C ASP A 167 4.63 32.66 11.22
N LYS A 168 4.94 31.60 11.99
CA LYS A 168 6.35 31.36 12.42
C LYS A 168 7.31 31.13 11.21
N LEU A 169 6.78 30.57 10.14
CA LEU A 169 7.59 30.29 8.95
C LEU A 169 7.85 31.61 8.21
N PRO A 170 9.15 31.97 7.93
CA PRO A 170 9.37 33.18 7.12
C PRO A 170 8.73 33.12 5.72
N ALA A 171 8.19 34.26 5.24
CA ALA A 171 7.54 34.34 3.95
C ALA A 171 8.42 33.75 2.85
N ASP A 172 9.70 34.14 2.79
CA ASP A 172 10.64 33.56 1.83
C ASP A 172 10.72 32.01 1.87
N ASP A 173 10.82 31.41 3.05
CA ASP A 173 10.83 29.94 3.10
C ASP A 173 9.51 29.34 2.59
N LYS A 174 8.40 29.93 2.96
CA LYS A 174 7.13 29.41 2.53
C LYS A 174 7.03 29.41 1.00
N THR A 175 7.49 30.49 0.37
CA THR A 175 7.61 30.55 -1.10
C THR A 175 8.47 29.42 -1.71
N ALA A 176 9.68 29.22 -1.16
CA ALA A 176 10.58 28.16 -1.61
C ALA A 176 9.90 26.80 -1.42
N ILE A 177 9.45 26.52 -0.18
CA ILE A 177 8.70 25.32 0.12
C ILE A 177 7.49 25.04 -0.79
N GLU A 178 6.70 26.05 -1.14
CA GLU A 178 5.47 25.80 -1.87
C GLU A 178 5.72 25.48 -3.35
N SER A 179 6.67 26.20 -3.93
CA SER A 179 7.20 25.83 -5.22
C SER A 179 7.72 24.36 -5.30
N ALA A 180 8.53 23.92 -4.33
CA ALA A 180 9.06 22.57 -4.33
C ALA A 180 7.95 21.56 -4.13
N LEU A 181 6.90 21.91 -3.36
CA LEU A 181 5.75 21.02 -3.19
C LEU A 181 5.00 20.77 -4.49
N THR A 182 4.80 21.82 -5.26
CA THR A 182 4.16 21.76 -6.60
C THR A 182 4.98 20.91 -7.51
N ALA A 183 6.29 21.15 -7.53
CA ALA A 183 7.17 20.33 -8.34
C ALA A 183 7.15 18.84 -7.95
N LEU A 184 7.18 18.56 -6.62
CA LEU A 184 7.08 17.16 -6.22
C LEU A 184 5.70 16.51 -6.52
N GLU A 185 4.60 17.23 -6.24
CA GLU A 185 3.26 16.75 -6.59
C GLU A 185 3.24 16.33 -8.09
N THR A 186 3.85 17.15 -8.93
CA THR A 186 3.89 16.81 -10.39
C THR A 186 4.70 15.55 -10.69
N ALA A 187 5.87 15.50 -10.09
CA ALA A 187 6.77 14.38 -10.29
C ALA A 187 6.14 13.03 -9.81
N LEU A 188 5.35 13.07 -8.72
CA LEU A 188 4.72 11.84 -8.23
C LEU A 188 3.77 11.18 -9.20
N LYS A 189 3.33 11.96 -10.20
CA LYS A 189 2.34 11.49 -11.18
C LYS A 189 2.98 10.68 -12.27
N GLY A 190 4.29 10.86 -12.46
CA GLY A 190 5.05 10.08 -13.44
C GLY A 190 5.64 8.83 -12.82
N GLU A 191 6.53 8.16 -13.57
CA GLU A 191 7.29 6.96 -13.12
C GLU A 191 8.78 7.16 -13.35
N ASP A 192 9.24 8.39 -13.18
CA ASP A 192 10.68 8.67 -13.23
C ASP A 192 11.18 8.77 -11.79
N LYS A 193 11.85 7.73 -11.36
CA LYS A 193 12.28 7.68 -10.00
C LYS A 193 13.29 8.80 -9.63
N ALA A 194 14.21 9.03 -10.55
CA ALA A 194 15.28 9.97 -10.28
C ALA A 194 14.67 11.35 -10.07
N ALA A 195 13.66 11.65 -10.88
CA ALA A 195 12.94 12.96 -10.82
C ALA A 195 12.22 13.16 -9.50
N ILE A 196 11.50 12.12 -9.05
CA ILE A 196 10.90 12.14 -7.69
C ILE A 196 11.98 12.37 -6.63
N GLU A 197 13.10 11.64 -6.71
CA GLU A 197 14.14 11.80 -5.71
C GLU A 197 14.71 13.30 -5.77
N ALA A 198 14.82 13.85 -6.94
CA ALA A 198 15.37 15.22 -7.12
C ALA A 198 14.39 16.25 -6.52
N LYS A 199 13.07 16.08 -6.72
CA LYS A 199 12.11 17.03 -6.11
C LYS A 199 12.04 16.85 -4.56
N MET A 200 12.20 15.63 -4.12
CA MET A 200 12.24 15.33 -2.66
C MET A 200 13.46 15.96 -2.06
N GLN A 201 14.60 15.80 -2.73
CA GLN A 201 15.82 16.48 -2.30
C GLN A 201 15.72 18.06 -2.31
N GLU A 202 15.10 18.65 -3.34
CA GLU A 202 14.87 20.11 -3.36
C GLU A 202 14.07 20.53 -2.15
N LEU A 203 13.01 19.75 -1.83
CA LEU A 203 12.18 20.03 -0.65
C LEU A 203 13.00 19.98 0.60
N ALA A 204 13.83 18.95 0.77
CA ALA A 204 14.58 18.82 1.99
C ALA A 204 15.49 20.06 2.20
N GLN A 205 16.10 20.49 1.09
CA GLN A 205 17.06 21.63 1.09
C GLN A 205 16.44 22.96 1.38
N VAL A 206 15.15 23.12 1.11
CA VAL A 206 14.52 24.40 1.37
C VAL A 206 13.63 24.42 2.66
N SER A 207 13.52 23.28 3.33
CA SER A 207 12.58 23.12 4.44
C SER A 207 13.25 23.12 5.78
N GLN A 208 14.51 23.48 5.87
CA GLN A 208 15.27 23.27 7.13
C GLN A 208 14.66 24.15 8.27
N LYS A 209 14.17 25.33 7.92
CA LYS A 209 13.65 26.19 8.97
C LYS A 209 12.28 25.66 9.43
N LEU A 210 11.42 25.29 8.45
CA LEU A 210 10.14 24.62 8.74
C LEU A 210 10.36 23.43 9.64
N MET A 211 11.42 22.65 9.37
CA MET A 211 11.67 21.41 10.12
C MET A 211 11.91 21.80 11.56
N GLU A 212 12.71 22.86 11.76
CA GLU A 212 13.07 23.24 13.12
C GLU A 212 11.80 23.70 13.88
N ILE A 213 10.96 24.45 13.18
CA ILE A 213 9.71 24.94 13.74
C ILE A 213 8.78 23.80 14.17
N ALA A 214 8.63 22.82 13.29
CA ALA A 214 7.78 21.64 13.55
C ALA A 214 8.25 20.79 14.72
N GLN A 215 9.56 20.55 14.80
CA GLN A 215 10.15 19.85 15.95
C GLN A 215 9.88 20.67 17.22
N GLN A 216 10.13 21.96 17.14
CA GLN A 216 9.94 22.83 18.31
C GLN A 216 8.49 22.75 18.79
N GLN A 217 7.53 22.84 17.87
CA GLN A 217 6.09 22.78 18.25
C GLN A 217 5.66 21.54 19.07
N HIS A 218 6.39 20.43 18.97
CA HIS A 218 6.08 19.22 19.82
C HIS A 218 7.13 18.69 20.78
N PRO B 1 -10.90 3.34 -2.16
CA PRO B 1 -9.53 3.66 -2.59
C PRO B 1 -8.51 2.71 -1.95
N ARG B 2 -7.24 2.84 -2.28
CA ARG B 2 -6.25 1.85 -1.82
CA ARG B 2 -6.14 1.94 -1.82
C ARG B 2 -5.86 1.95 -0.32
N PRO B 3 -5.43 0.82 0.26
CA PRO B 3 -4.92 0.93 1.63
C PRO B 3 -3.45 1.32 1.66
N GLY B 4 -3.03 2.05 2.68
CA GLY B 4 -1.62 2.40 2.85
C GLY B 4 -1.19 1.99 4.24
N PRO B 5 0.01 2.42 4.64
CA PRO B 5 0.56 2.06 5.96
C PRO B 5 -0.05 2.89 7.13
N ILE B 6 -0.01 2.34 8.35
CA ILE B 6 -0.37 3.10 9.54
C ILE B 6 0.84 3.97 9.82
N TYR B 7 0.70 5.29 9.79
CA TYR B 7 1.74 6.12 10.44
C TYR B 7 1.28 7.07 11.56
N TYR B 8 0.23 6.71 12.28
S SO4 C . 5.63 -8.86 -17.97
O1 SO4 C . 4.46 -8.08 -18.42
O2 SO4 C . 6.59 -9.01 -19.10
O3 SO4 C . 6.30 -8.15 -16.86
O4 SO4 C . 5.20 -10.20 -17.51
#